data_6IN5
#
_entry.id   6IN5
#
_cell.length_a   110.323
_cell.length_b   110.323
_cell.length_c   314.165
_cell.angle_alpha   90.00
_cell.angle_beta   90.00
_cell.angle_gamma   120.00
#
_symmetry.space_group_name_H-M   'H 3 2'
#
loop_
_entity.id
_entity.type
_entity.pdbx_description
1 polymer Hemagglutinin
2 branched 'N-acetyl-alpha-neuraminic acid-(2-3)-beta-D-galactopyranose'
#
_entity_poly.entity_id   1
_entity_poly.type   'polypeptide(L)'
_entity_poly.pdbx_seq_one_letter_code
;MLLVNQSHQGFNKEHTSKMVSAIVLYVLLAAAAHSAFASAGDRICIGYHANNSTTQVDTIMEKNVTVTHAQDILEKEHNG
RLCSLKGVKPLILKNCSVAGWLLGNPMCDEFLNAPEWSYIVEKDRPSNGLCYPGTFNYYEELKHLMSSTNQFEKIQIFPR
SSWSNHDASSGVSSACPYNGRSSFFRNVVWLIKKNNVYRTITRTYNNTNIEDLLIIWGIHHPNNAAEQIKLYQNPSTYVS
VGTSTLNQRSIPEIATRPKVNGLSSRMEFFWTILRPNDSITFESTGNFIAPEYAYKIVKKGDSAIMKSELSYSNCDTKCQ
TPVGAINSSMPFHNVHPFAIGECPKYVKLKKLVLATGLRNIPQRETRGLFGAIAGFIEGGWQGMVDGWYGYHHSNEQGSG
YAADKESTQKAVDGITNKVNSIISKMNSQFEAVGKEFNNLERRIENLNKKMEDGFIDVWTYNAELLVLMENERTLDLHDS
NVKNLYDKVRRQLRDNAKELGNGCFEFYHRCDNKCMESVRNGTYDYPQYSEESRLKREEIDSGLVPRGSPGSGYIPEAPR
DGQAYVRKDGEWVLLSTFLGHHHHHH
;
_entity_poly.pdbx_strand_id   A
#
loop_
_chem_comp.id
_chem_comp.type
_chem_comp.name
_chem_comp.formula
GAL D-saccharide, beta linking beta-D-galactopyranose 'C6 H12 O6'
SIA D-saccharide, alpha linking 'N-acetyl-alpha-neuraminic acid' 'C11 H19 N O9'
#
# COMPACT_ATOMS: atom_id res chain seq x y z
N GLY A 41 -38.08 -46.90 18.12
CA GLY A 41 -38.35 -45.68 17.39
C GLY A 41 -38.76 -44.54 18.31
N ASP A 42 -39.05 -43.38 17.71
CA ASP A 42 -39.46 -42.14 18.39
C ASP A 42 -38.26 -41.39 18.97
N ARG A 43 -37.49 -40.71 18.12
CA ARG A 43 -36.24 -40.04 18.52
C ARG A 43 -36.22 -38.60 17.99
N ILE A 44 -35.17 -37.87 18.38
CA ILE A 44 -34.81 -36.56 17.79
C ILE A 44 -33.35 -36.27 18.13
N CYS A 45 -32.60 -35.76 17.16
CA CYS A 45 -31.17 -35.53 17.34
C CYS A 45 -30.80 -34.08 17.04
N ILE A 46 -29.72 -33.63 17.67
CA ILE A 46 -29.25 -32.26 17.48
C ILE A 46 -27.82 -32.29 16.94
N GLY A 47 -27.60 -31.61 15.82
CA GLY A 47 -26.34 -31.73 15.13
C GLY A 47 -26.00 -30.48 14.35
N TYR A 48 -24.86 -30.53 13.66
CA TYR A 48 -24.34 -29.36 12.95
C TYR A 48 -23.94 -29.71 11.51
N HIS A 49 -23.71 -28.65 10.74
CA HIS A 49 -23.34 -28.73 9.34
C HIS A 49 -21.99 -29.43 9.15
N ALA A 50 -21.88 -30.16 8.03
CA ALA A 50 -20.58 -30.60 7.53
C ALA A 50 -20.67 -30.59 6.00
N ASN A 51 -19.52 -30.60 5.34
CA ASN A 51 -19.51 -30.31 3.91
C ASN A 51 -18.21 -30.77 3.27
N ASN A 52 -18.13 -30.59 1.95
CA ASN A 52 -16.99 -31.04 1.15
C ASN A 52 -15.74 -30.21 1.39
N SER A 53 -15.81 -29.19 2.24
CA SER A 53 -14.72 -28.24 2.38
C SER A 53 -13.48 -28.89 2.96
N THR A 54 -12.33 -28.44 2.49
CA THR A 54 -11.03 -28.84 2.99
C THR A 54 -10.20 -27.63 3.40
N THR A 55 -10.77 -26.42 3.32
CA THR A 55 -10.17 -25.20 3.84
C THR A 55 -9.65 -25.41 5.26
N GLN A 56 -8.49 -24.81 5.57
CA GLN A 56 -7.85 -24.99 6.86
C GLN A 56 -7.49 -23.66 7.52
N VAL A 57 -7.63 -23.60 8.85
CA VAL A 57 -7.38 -22.39 9.62
C VAL A 57 -6.40 -22.76 10.74
N ASP A 58 -5.92 -21.71 11.41
CA ASP A 58 -5.04 -21.87 12.56
C ASP A 58 -5.61 -21.06 13.72
N THR A 59 -5.19 -21.41 14.92
CA THR A 59 -5.55 -20.74 16.16
C THR A 59 -4.28 -20.67 17.01
N ILE A 60 -4.41 -20.11 18.22
CA ILE A 60 -3.28 -20.17 19.15
C ILE A 60 -2.97 -21.61 19.49
N MET A 61 -4.02 -22.42 19.68
CA MET A 61 -3.94 -23.78 20.18
C MET A 61 -3.49 -24.77 19.11
N GLU A 62 -4.16 -24.76 17.96
CA GLU A 62 -4.00 -25.82 16.98
C GLU A 62 -3.55 -25.27 15.64
N LYS A 63 -2.71 -26.04 14.93
CA LYS A 63 -2.43 -25.81 13.52
C LYS A 63 -3.39 -26.62 12.64
N ASN A 64 -3.64 -26.12 11.43
CA ASN A 64 -4.29 -26.88 10.35
C ASN A 64 -5.60 -27.52 10.78
N VAL A 65 -6.71 -26.78 10.74
CA VAL A 65 -7.97 -27.21 11.33
C VAL A 65 -9.07 -27.08 10.28
N THR A 66 -9.50 -28.23 9.73
CA THR A 66 -10.44 -28.18 8.61
C THR A 66 -11.78 -27.59 9.06
N VAL A 67 -12.39 -26.81 8.18
CA VAL A 67 -13.61 -26.07 8.49
C VAL A 67 -14.55 -26.13 7.31
N THR A 68 -15.82 -25.76 7.58
CA THR A 68 -16.85 -25.77 6.56
C THR A 68 -16.75 -24.57 5.64
N HIS A 69 -16.41 -23.41 6.20
CA HIS A 69 -16.43 -22.13 5.51
C HIS A 69 -15.29 -21.32 6.10
N ALA A 70 -14.64 -20.52 5.25
CA ALA A 70 -13.58 -19.62 5.69
C ALA A 70 -13.22 -18.69 4.54
N GLN A 71 -12.67 -17.53 4.91
CA GLN A 71 -12.31 -16.45 4.00
C GLN A 71 -10.80 -16.24 4.05
N ASP A 72 -10.15 -16.35 2.90
CA ASP A 72 -8.76 -15.92 2.79
C ASP A 72 -8.69 -14.39 2.77
N ILE A 73 -7.73 -13.81 3.49
CA ILE A 73 -7.69 -12.35 3.51
C ILE A 73 -6.33 -11.78 3.12
N LEU A 74 -5.46 -12.60 2.54
CA LEU A 74 -4.09 -12.16 2.23
C LEU A 74 -3.85 -12.27 0.72
N GLU A 75 -3.63 -11.11 0.09
CA GLU A 75 -3.26 -11.06 -1.33
C GLU A 75 -1.78 -11.40 -1.51
N LYS A 76 -1.50 -12.34 -2.39
CA LYS A 76 -0.10 -12.72 -2.63
C LYS A 76 0.25 -12.79 -4.10
N GLU A 77 -0.59 -12.27 -5.00
CA GLU A 77 -0.32 -12.26 -6.44
C GLU A 77 -0.14 -10.82 -6.95
N HIS A 78 0.67 -10.67 -8.00
CA HIS A 78 0.76 -9.39 -8.71
C HIS A 78 0.99 -9.63 -10.20
N ASN A 79 0.61 -8.65 -11.01
CA ASN A 79 0.67 -8.78 -12.46
C ASN A 79 2.01 -8.42 -13.09
N GLY A 80 2.99 -7.96 -12.30
CA GLY A 80 4.32 -7.70 -12.85
C GLY A 80 4.43 -6.60 -13.89
N ARG A 81 3.40 -5.78 -14.07
CA ARG A 81 3.41 -4.60 -14.91
C ARG A 81 3.38 -3.31 -14.07
N LEU A 82 3.65 -2.17 -14.70
CA LEU A 82 3.32 -0.88 -14.10
C LEU A 82 2.22 -0.21 -14.89
N CYS A 83 1.25 0.32 -14.17
CA CYS A 83 -0.01 0.75 -14.72
C CYS A 83 -0.34 2.16 -14.28
N SER A 84 -1.39 2.72 -14.87
CA SER A 84 -1.88 3.97 -14.37
C SER A 84 -2.60 3.75 -13.04
N LEU A 85 -2.74 4.82 -12.29
CA LEU A 85 -3.39 4.76 -10.98
C LEU A 85 -4.76 5.40 -11.13
N LYS A 86 -5.76 4.56 -11.42
CA LYS A 86 -7.16 5.01 -11.51
C LYS A 86 -7.30 6.09 -12.57
N GLY A 87 -6.85 5.77 -13.79
CA GLY A 87 -6.89 6.66 -14.92
C GLY A 87 -5.65 7.53 -15.11
N VAL A 88 -4.84 7.73 -14.08
CA VAL A 88 -3.77 8.74 -14.08
C VAL A 88 -2.41 8.05 -14.19
N LYS A 89 -1.64 8.40 -15.28
CA LYS A 89 -0.39 7.75 -15.68
C LYS A 89 0.76 8.12 -14.76
N PRO A 90 1.76 7.24 -14.66
CA PRO A 90 3.03 7.65 -14.06
C PRO A 90 3.89 8.42 -15.04
N LEU A 91 4.70 9.32 -14.48
CA LEU A 91 5.86 9.88 -15.16
C LEU A 91 6.98 8.84 -15.14
N ILE A 92 7.36 8.32 -16.32
CA ILE A 92 8.36 7.26 -16.40
C ILE A 92 9.67 7.90 -16.88
N LEU A 93 10.66 7.97 -16.00
CA LEU A 93 11.89 8.67 -16.31
C LEU A 93 12.82 7.86 -17.19
N LYS A 94 12.53 6.59 -17.42
CA LYS A 94 13.36 5.77 -18.33
C LYS A 94 14.75 5.69 -17.73
N ASN A 95 15.79 5.75 -18.54
CA ASN A 95 17.16 5.62 -18.05
C ASN A 95 17.65 6.94 -17.43
N CYS A 96 16.74 7.75 -16.90
CA CYS A 96 17.08 9.07 -16.38
C CYS A 96 16.74 9.21 -14.91
N SER A 97 17.48 10.07 -14.26
CA SER A 97 17.30 10.41 -12.86
C SER A 97 16.55 11.73 -12.73
N VAL A 98 15.95 11.96 -11.57
CA VAL A 98 15.19 13.20 -11.39
C VAL A 98 16.03 14.43 -11.75
N ALA A 99 17.34 14.42 -11.45
CA ALA A 99 18.17 15.57 -11.83
C ALA A 99 18.33 15.66 -13.35
N GLY A 100 18.58 14.54 -14.02
CA GLY A 100 18.58 14.54 -15.47
C GLY A 100 17.34 15.18 -16.06
N TRP A 101 16.16 14.73 -15.61
CA TRP A 101 14.92 15.34 -16.07
C TRP A 101 14.89 16.85 -15.78
N LEU A 102 14.99 17.23 -14.51
CA LEU A 102 14.73 18.62 -14.12
C LEU A 102 15.66 19.60 -14.83
N LEU A 103 16.96 19.27 -14.87
CA LEU A 103 17.96 20.16 -15.47
C LEU A 103 17.90 20.10 -17.00
N GLY A 104 17.42 18.99 -17.56
CA GLY A 104 17.36 18.89 -19.00
C GLY A 104 18.62 18.28 -19.60
N ASN A 105 19.18 17.24 -18.96
CA ASN A 105 20.24 16.45 -19.56
C ASN A 105 19.85 16.11 -20.99
N PRO A 106 20.62 16.53 -22.01
CA PRO A 106 20.20 16.35 -23.41
C PRO A 106 19.67 14.94 -23.71
N MET A 107 20.09 13.94 -22.94
CA MET A 107 19.61 12.58 -23.21
C MET A 107 18.17 12.32 -22.73
N CYS A 108 17.63 13.16 -21.84
CA CYS A 108 16.28 12.95 -21.33
C CYS A 108 15.27 13.84 -22.05
N ASP A 109 14.06 13.30 -22.20
CA ASP A 109 13.02 14.00 -22.95
C ASP A 109 12.21 14.88 -22.01
N GLU A 110 12.12 16.17 -22.33
CA GLU A 110 11.21 17.05 -21.63
C GLU A 110 9.78 16.57 -21.81
N PHE A 111 8.91 16.97 -20.91
CA PHE A 111 7.49 16.62 -20.98
C PHE A 111 6.77 17.93 -21.32
N LEU A 112 6.77 18.25 -22.62
CA LEU A 112 6.27 19.54 -23.09
C LEU A 112 4.79 19.72 -22.77
N ASN A 113 4.04 18.63 -22.64
CA ASN A 113 2.59 18.71 -22.47
C ASN A 113 2.18 19.21 -21.09
N ALA A 114 3.13 19.36 -20.16
CA ALA A 114 2.86 19.60 -18.76
C ALA A 114 1.83 18.60 -18.22
N PRO A 115 2.15 17.31 -18.25
CA PRO A 115 1.19 16.31 -17.75
C PRO A 115 1.19 16.25 -16.23
N GLU A 116 0.05 15.82 -15.70
CA GLU A 116 -0.04 15.42 -14.31
C GLU A 116 0.27 13.94 -14.18
N TRP A 117 0.81 13.54 -13.04
CA TRP A 117 1.15 12.14 -12.83
C TRP A 117 0.56 11.66 -11.51
N SER A 118 0.53 10.32 -11.40
CA SER A 118 0.17 9.63 -10.17
C SER A 118 1.39 9.22 -9.35
N TYR A 119 2.44 8.75 -9.99
CA TYR A 119 3.70 8.53 -9.31
C TYR A 119 4.81 8.72 -10.33
N ILE A 120 6.06 8.71 -9.85
CA ILE A 120 7.25 8.89 -10.67
C ILE A 120 8.06 7.61 -10.59
N VAL A 121 8.56 7.15 -11.74
CA VAL A 121 9.26 5.87 -11.82
C VAL A 121 10.68 6.13 -12.27
N GLU A 122 11.63 5.73 -11.44
CA GLU A 122 13.05 5.95 -11.66
C GLU A 122 13.74 4.61 -11.54
N LYS A 123 14.61 4.29 -12.50
CA LYS A 123 15.38 3.06 -12.35
C LYS A 123 16.24 3.13 -11.09
N ASP A 124 16.82 1.99 -10.72
CA ASP A 124 17.59 1.93 -9.46
C ASP A 124 18.90 2.70 -9.57
N ARG A 125 19.62 2.52 -10.67
CA ARG A 125 20.81 3.30 -11.01
C ARG A 125 20.53 3.85 -12.41
N PRO A 126 20.08 5.10 -12.53
CA PRO A 126 19.83 5.63 -13.88
C PRO A 126 21.16 5.92 -14.52
N SER A 127 21.13 6.04 -15.85
CA SER A 127 22.36 6.28 -16.60
C SER A 127 22.48 7.72 -17.07
N ASN A 128 21.43 8.53 -16.94
CA ASN A 128 21.44 9.90 -17.41
C ASN A 128 21.18 10.82 -16.23
N GLY A 129 22.23 11.11 -15.48
CA GLY A 129 22.12 12.06 -14.39
C GLY A 129 22.83 13.33 -14.77
N LEU A 130 23.62 13.85 -13.85
CA LEU A 130 24.52 14.93 -14.20
C LEU A 130 25.53 14.42 -15.23
N CYS A 131 25.24 14.64 -16.52
CA CYS A 131 26.20 14.28 -17.55
C CYS A 131 27.47 15.11 -17.40
N TYR A 132 27.33 16.41 -17.23
CA TYR A 132 28.42 17.17 -16.65
C TYR A 132 28.53 16.83 -15.18
N PRO A 133 29.67 16.32 -14.72
CA PRO A 133 29.76 15.81 -13.35
C PRO A 133 29.79 16.93 -12.33
N GLY A 134 29.28 16.61 -11.15
CA GLY A 134 29.33 17.53 -10.04
C GLY A 134 28.39 17.07 -8.97
N THR A 135 27.93 18.00 -8.14
CA THR A 135 26.95 17.68 -7.13
C THR A 135 25.67 18.50 -7.34
N PHE A 136 24.63 18.09 -6.63
CA PHE A 136 23.31 18.73 -6.67
C PHE A 136 22.85 18.91 -5.22
N ASN A 137 23.00 20.12 -4.68
CA ASN A 137 22.80 20.35 -3.26
C ASN A 137 21.36 20.08 -2.82
N TYR A 138 21.24 19.49 -1.63
CA TYR A 138 19.96 19.04 -1.07
C TYR A 138 19.15 18.33 -2.13
N TYR A 139 19.82 17.42 -2.83
CA TYR A 139 19.15 16.64 -3.87
C TYR A 139 18.03 15.80 -3.29
N GLU A 140 18.30 15.05 -2.22
CA GLU A 140 17.27 14.16 -1.69
C GLU A 140 16.09 14.94 -1.12
N GLU A 141 16.32 16.17 -0.66
CA GLU A 141 15.18 17.00 -0.28
C GLU A 141 14.29 17.31 -1.47
N LEU A 142 14.91 17.64 -2.61
CA LEU A 142 14.14 17.92 -3.82
C LEU A 142 13.35 16.70 -4.25
N LYS A 143 14.01 15.53 -4.29
CA LYS A 143 13.28 14.29 -4.52
C LYS A 143 12.08 14.14 -3.59
N HIS A 144 12.24 14.42 -2.28
CA HIS A 144 11.11 14.35 -1.37
C HIS A 144 10.04 15.37 -1.70
N LEU A 145 10.41 16.54 -2.21
CA LEU A 145 9.37 17.48 -2.64
C LEU A 145 8.56 16.90 -3.79
N MET A 146 9.21 16.16 -4.69
CA MET A 146 8.48 15.59 -5.81
C MET A 146 7.34 14.71 -5.34
N SER A 147 7.49 14.08 -4.18
CA SER A 147 6.51 13.10 -3.71
C SER A 147 5.20 13.72 -3.26
N SER A 148 5.18 15.02 -2.95
CA SER A 148 3.95 15.73 -2.64
C SER A 148 3.42 16.52 -3.83
N THR A 149 4.04 16.39 -5.01
CA THR A 149 3.64 17.22 -6.15
C THR A 149 3.28 16.34 -7.33
N ASN A 150 2.30 16.80 -8.11
CA ASN A 150 1.61 16.02 -9.13
C ASN A 150 1.64 16.60 -10.53
N GLN A 151 2.01 17.89 -10.69
CA GLN A 151 2.13 18.51 -12.00
C GLN A 151 3.06 19.71 -11.99
N PHE A 152 3.96 19.76 -12.98
CA PHE A 152 4.78 20.92 -13.27
C PHE A 152 4.33 21.62 -14.55
N GLU A 153 4.47 22.93 -14.57
CA GLU A 153 4.44 23.69 -15.83
C GLU A 153 5.77 24.42 -15.96
N LYS A 154 6.55 24.04 -16.97
CA LYS A 154 7.84 24.68 -17.21
C LYS A 154 7.59 26.10 -17.74
N ILE A 155 8.30 27.07 -17.16
CA ILE A 155 8.09 28.48 -17.47
C ILE A 155 9.45 29.11 -17.78
N GLN A 156 9.53 29.85 -18.89
CA GLN A 156 10.74 30.64 -19.13
C GLN A 156 10.77 31.80 -18.15
N ILE A 157 11.96 32.11 -17.64
CA ILE A 157 12.07 33.26 -16.75
C ILE A 157 13.19 34.15 -17.28
N PHE A 158 14.22 33.53 -17.86
CA PHE A 158 15.37 34.23 -18.41
C PHE A 158 15.67 33.65 -19.79
N PRO A 159 15.15 34.25 -20.86
CA PRO A 159 15.31 33.65 -22.19
C PRO A 159 16.78 33.56 -22.58
N ARG A 160 17.13 32.45 -23.24
CA ARG A 160 18.55 32.17 -23.53
C ARG A 160 19.20 33.31 -24.31
N SER A 161 18.42 34.18 -24.93
CA SER A 161 18.90 35.21 -25.84
C SER A 161 18.88 36.59 -25.22
N SER A 162 18.77 36.68 -23.89
CA SER A 162 18.62 37.96 -23.22
C SER A 162 19.85 38.36 -22.44
N TRP A 163 20.96 37.67 -22.63
CA TRP A 163 22.23 37.96 -21.96
C TRP A 163 23.17 38.64 -22.95
N SER A 164 22.80 39.85 -23.38
CA SER A 164 23.50 40.50 -24.50
C SER A 164 25.00 40.57 -24.25
N ASN A 165 25.41 40.74 -23.00
CA ASN A 165 26.79 41.04 -22.62
C ASN A 165 27.65 39.80 -22.34
N HIS A 166 27.13 38.60 -22.63
CA HIS A 166 27.90 37.37 -22.42
C HIS A 166 27.64 36.41 -23.56
N ASP A 167 28.60 35.50 -23.78
CA ASP A 167 28.42 34.41 -24.74
C ASP A 167 27.44 33.36 -24.18
N ALA A 168 26.31 33.18 -24.86
CA ALA A 168 25.32 32.19 -24.45
C ALA A 168 25.34 30.94 -25.33
N SER A 169 26.35 30.79 -26.19
CA SER A 169 26.38 29.71 -27.15
C SER A 169 27.58 28.79 -27.01
N SER A 170 28.66 29.24 -26.38
CA SER A 170 29.83 28.39 -26.27
C SER A 170 29.70 27.37 -25.14
N GLY A 171 28.87 27.65 -24.14
CA GLY A 171 28.74 26.73 -23.04
C GLY A 171 28.15 25.36 -23.36
N VAL A 172 28.95 24.49 -23.97
CA VAL A 172 28.60 23.09 -24.22
C VAL A 172 29.81 22.23 -23.88
N SER A 173 29.59 20.92 -23.73
CA SER A 173 30.71 20.05 -23.39
C SER A 173 30.58 18.69 -24.05
N SER A 174 31.73 18.02 -24.20
CA SER A 174 31.79 16.67 -24.72
C SER A 174 31.21 15.65 -23.75
N ALA A 175 30.93 16.05 -22.53
CA ALA A 175 30.24 15.19 -21.57
C ALA A 175 28.72 15.17 -21.73
N CYS A 176 28.16 15.97 -22.64
CA CYS A 176 26.72 16.12 -22.78
C CYS A 176 26.33 16.03 -24.24
N PRO A 177 26.51 14.87 -24.88
CA PRO A 177 26.16 14.75 -26.29
C PRO A 177 24.66 14.78 -26.54
N TYR A 178 24.29 15.46 -27.63
CA TYR A 178 22.95 15.39 -28.22
C TYR A 178 23.16 15.06 -29.69
N ASN A 179 22.74 13.86 -30.10
CA ASN A 179 23.00 13.38 -31.46
C ASN A 179 24.49 13.44 -31.75
N GLY A 180 25.32 13.12 -30.74
CA GLY A 180 26.75 13.02 -30.94
C GLY A 180 27.55 14.33 -30.90
N ARG A 181 26.92 15.47 -31.15
CA ARG A 181 27.58 16.76 -30.97
C ARG A 181 27.74 17.06 -29.46
N SER A 182 28.59 18.03 -29.14
CA SER A 182 28.62 18.51 -27.76
C SER A 182 27.39 19.37 -27.48
N SER A 183 26.83 19.22 -26.28
CA SER A 183 25.62 19.92 -25.87
C SER A 183 25.70 20.20 -24.37
N PHE A 184 24.55 20.29 -23.70
CA PHE A 184 24.44 20.80 -22.34
C PHE A 184 23.00 20.71 -21.88
N PHE A 185 22.80 20.79 -20.57
CA PHE A 185 21.48 20.90 -19.99
C PHE A 185 20.67 21.94 -20.75
N ARG A 186 19.42 21.60 -21.05
CA ARG A 186 18.62 22.52 -21.84
C ARG A 186 17.95 23.61 -21.01
N ASN A 187 17.80 23.42 -19.71
CA ASN A 187 17.05 24.36 -18.89
C ASN A 187 17.94 25.35 -18.15
N VAL A 188 19.25 25.21 -18.27
CA VAL A 188 20.18 26.16 -17.70
C VAL A 188 21.19 26.53 -18.77
N VAL A 189 21.80 27.69 -18.58
CA VAL A 189 22.71 28.31 -19.55
C VAL A 189 24.10 28.40 -18.95
N TRP A 190 25.08 27.82 -19.63
CA TRP A 190 26.48 28.02 -19.29
C TRP A 190 26.90 29.38 -19.87
N LEU A 191 26.91 30.39 -19.01
CA LEU A 191 27.33 31.72 -19.41
C LEU A 191 28.84 31.83 -19.40
N ILE A 192 29.37 32.46 -20.46
CA ILE A 192 30.81 32.51 -20.73
C ILE A 192 31.18 33.89 -21.25
N LYS A 193 32.40 34.33 -20.92
CA LYS A 193 32.85 35.67 -21.28
C LYS A 193 32.73 35.92 -22.79
N LYS A 194 32.17 37.08 -23.14
CA LYS A 194 32.03 37.52 -24.52
C LYS A 194 33.16 38.48 -24.80
N ASN A 195 33.97 38.19 -25.83
CA ASN A 195 34.99 39.13 -26.28
C ASN A 195 35.98 39.45 -25.16
N ASN A 196 36.40 38.40 -24.44
CA ASN A 196 37.32 38.50 -23.31
C ASN A 196 36.81 39.40 -22.19
N VAL A 197 35.53 39.75 -22.20
CA VAL A 197 34.94 40.54 -21.11
C VAL A 197 33.83 39.71 -20.43
N TYR A 198 33.69 39.90 -19.11
CA TYR A 198 32.59 39.27 -18.36
C TYR A 198 31.98 40.35 -17.46
N ARG A 199 31.01 41.09 -18.01
CA ARG A 199 30.40 42.17 -17.25
C ARG A 199 29.57 41.59 -16.11
N THR A 200 29.68 42.20 -14.94
CA THR A 200 29.09 41.61 -13.75
C THR A 200 27.58 41.52 -13.89
N ILE A 201 27.05 40.30 -13.75
CA ILE A 201 25.62 40.04 -13.94
C ILE A 201 24.85 40.51 -12.71
N THR A 202 23.76 41.24 -12.92
CA THR A 202 22.75 41.39 -11.89
C THR A 202 21.38 41.35 -12.55
N ARG A 203 20.58 40.35 -12.20
CA ARG A 203 19.35 40.09 -12.92
C ARG A 203 18.28 39.52 -11.99
N THR A 204 17.05 40.00 -12.15
CA THR A 204 15.97 39.71 -11.22
C THR A 204 14.79 39.08 -11.93
N TYR A 205 14.14 38.13 -11.25
CA TYR A 205 12.84 37.64 -11.68
C TYR A 205 11.88 37.81 -10.51
N ASN A 206 10.73 38.46 -10.77
CA ASN A 206 9.65 38.58 -9.80
C ASN A 206 8.63 37.48 -10.09
N ASN A 207 8.38 36.60 -9.11
CA ASN A 207 7.34 35.55 -9.28
C ASN A 207 5.96 36.21 -9.23
N THR A 208 5.44 36.57 -10.39
CA THR A 208 4.11 37.16 -10.48
C THR A 208 3.03 36.11 -10.69
N ASN A 209 3.26 34.89 -10.23
CA ASN A 209 2.31 33.80 -10.39
C ASN A 209 1.62 33.48 -9.06
N ILE A 210 0.56 32.69 -9.18
CA ILE A 210 -0.19 32.16 -8.06
C ILE A 210 0.60 31.04 -7.37
N GLU A 211 1.44 30.34 -8.13
CA GLU A 211 2.04 29.07 -7.74
C GLU A 211 3.46 29.26 -7.19
N ASP A 212 3.91 28.28 -6.40
CA ASP A 212 5.33 28.19 -6.09
C ASP A 212 6.11 27.87 -7.36
N LEU A 213 7.25 28.53 -7.53
CA LEU A 213 8.17 28.22 -8.63
C LEU A 213 9.41 27.54 -8.10
N LEU A 214 9.75 26.40 -8.67
CA LEU A 214 11.00 25.73 -8.39
C LEU A 214 12.05 26.21 -9.40
N ILE A 215 13.13 26.79 -8.91
CA ILE A 215 14.18 27.39 -9.73
C ILE A 215 15.51 26.72 -9.41
N ILE A 216 16.28 26.41 -10.46
CA ILE A 216 17.56 25.73 -10.32
C ILE A 216 18.64 26.53 -11.02
N TRP A 217 19.74 26.80 -10.34
CA TRP A 217 20.92 27.38 -10.96
C TRP A 217 22.14 26.59 -10.49
N GLY A 218 23.30 26.98 -10.98
CA GLY A 218 24.49 26.24 -10.61
C GLY A 218 25.73 27.11 -10.75
N ILE A 219 26.86 26.53 -10.36
CA ILE A 219 28.15 27.21 -10.42
C ILE A 219 29.15 26.25 -11.05
N HIS A 220 30.21 26.81 -11.63
CA HIS A 220 31.22 26.01 -12.31
C HIS A 220 32.53 26.00 -11.52
N HIS A 221 33.05 24.80 -11.25
CA HIS A 221 34.33 24.60 -10.55
C HIS A 221 35.37 24.11 -11.54
N PRO A 222 36.27 24.97 -12.00
CA PRO A 222 37.25 24.60 -13.03
C PRO A 222 38.45 23.77 -12.51
N ASN A 223 39.23 23.25 -13.47
CA ASN A 223 40.38 22.39 -13.18
C ASN A 223 41.53 23.15 -12.53
N ASN A 224 41.76 24.39 -12.94
CA ASN A 224 42.98 25.09 -12.60
C ASN A 224 42.79 26.56 -12.93
N ALA A 225 43.74 27.37 -12.47
CA ALA A 225 43.58 28.80 -12.64
C ALA A 225 43.62 29.22 -14.11
N ALA A 226 44.35 28.49 -14.97
CA ALA A 226 44.32 28.83 -16.39
C ALA A 226 42.91 28.65 -16.96
N GLU A 227 42.19 27.61 -16.50
CA GLU A 227 40.86 27.32 -17.04
C GLU A 227 39.84 28.34 -16.56
N GLN A 228 39.92 28.78 -15.30
CA GLN A 228 39.05 29.88 -14.85
C GLN A 228 39.15 31.09 -15.76
N ILE A 229 40.35 31.69 -15.85
CA ILE A 229 40.55 32.89 -16.65
C ILE A 229 40.14 32.67 -18.11
N LYS A 230 40.48 31.53 -18.71
CA LYS A 230 40.11 31.37 -20.13
C LYS A 230 38.60 31.44 -20.31
N LEU A 231 37.82 30.99 -19.33
CA LEU A 231 36.37 31.01 -19.48
C LEU A 231 35.76 32.34 -19.05
N TYR A 232 36.08 32.84 -17.86
CA TYR A 232 35.39 33.98 -17.27
C TYR A 232 36.26 35.20 -17.01
N GLN A 233 37.48 35.25 -17.57
CA GLN A 233 38.39 36.41 -17.45
C GLN A 233 38.77 36.76 -16.01
N ASN A 234 37.85 37.45 -15.31
CA ASN A 234 38.04 37.86 -13.92
C ASN A 234 38.58 36.67 -13.13
N PRO A 235 39.75 36.78 -12.51
CA PRO A 235 40.29 35.62 -11.79
C PRO A 235 39.46 35.21 -10.58
N SER A 236 38.83 36.16 -9.88
CA SER A 236 38.13 35.85 -8.64
C SER A 236 36.67 36.27 -8.77
N THR A 237 35.78 35.30 -8.69
CA THR A 237 34.38 35.47 -9.04
C THR A 237 33.51 34.91 -7.92
N TYR A 238 32.20 35.08 -8.10
CA TYR A 238 31.22 34.61 -7.14
C TYR A 238 29.88 34.52 -7.83
N VAL A 239 28.98 33.72 -7.25
CA VAL A 239 27.58 33.65 -7.64
C VAL A 239 26.73 33.91 -6.40
N SER A 240 26.01 35.04 -6.41
CA SER A 240 25.17 35.46 -5.31
C SER A 240 23.70 35.35 -5.69
N VAL A 241 22.91 34.74 -4.80
CA VAL A 241 21.47 34.59 -4.97
C VAL A 241 20.77 35.20 -3.76
N GLY A 242 19.73 35.99 -4.00
CA GLY A 242 18.91 36.50 -2.92
C GLY A 242 17.40 36.41 -3.11
N THR A 243 16.70 35.90 -2.11
CA THR A 243 15.26 36.05 -1.99
C THR A 243 14.96 36.60 -0.60
N SER A 244 13.69 36.62 -0.24
CA SER A 244 13.38 37.07 1.11
C SER A 244 13.76 36.01 2.14
N THR A 245 13.94 34.77 1.69
CA THR A 245 14.25 33.66 2.59
C THR A 245 15.69 33.23 2.50
N LEU A 246 16.29 33.30 1.32
CA LEU A 246 17.59 32.70 1.05
C LEU A 246 18.62 33.78 0.71
N ASN A 247 19.78 33.68 1.34
CA ASN A 247 20.92 34.56 1.05
C ASN A 247 22.15 33.68 0.89
N GLN A 248 22.82 33.78 -0.27
CA GLN A 248 23.88 32.84 -0.60
C GLN A 248 24.86 33.47 -1.59
N ARG A 249 26.08 33.74 -1.12
CA ARG A 249 27.23 33.96 -1.99
C ARG A 249 27.86 32.59 -2.21
N SER A 250 28.34 32.34 -3.43
CA SER A 250 28.90 31.04 -3.77
C SER A 250 30.21 31.23 -4.52
N ILE A 251 31.18 30.36 -4.26
CA ILE A 251 32.54 30.64 -4.72
C ILE A 251 33.16 29.42 -5.43
N PRO A 252 33.87 29.64 -6.55
CA PRO A 252 34.46 28.51 -7.29
C PRO A 252 35.61 27.86 -6.51
N GLU A 253 35.50 26.53 -6.35
CA GLU A 253 36.46 25.72 -5.59
C GLU A 253 37.30 24.93 -6.58
N ILE A 254 38.46 25.48 -6.94
CA ILE A 254 39.35 24.86 -7.93
C ILE A 254 40.21 23.79 -7.28
N ALA A 255 40.18 22.58 -7.84
CA ALA A 255 40.96 21.46 -7.33
C ALA A 255 41.36 20.59 -8.52
N THR A 256 42.07 19.52 -8.22
CA THR A 256 42.58 18.63 -9.26
C THR A 256 41.95 17.27 -8.99
N ARG A 257 40.99 16.89 -9.84
CA ARG A 257 40.14 15.73 -9.59
C ARG A 257 40.21 14.73 -10.73
N PRO A 258 39.80 13.49 -10.48
CA PRO A 258 39.74 12.50 -11.57
C PRO A 258 38.74 12.88 -12.65
N LYS A 259 38.86 12.22 -13.79
CA LYS A 259 38.04 12.52 -14.96
C LYS A 259 36.76 11.70 -14.87
N VAL A 260 35.64 12.36 -14.60
CA VAL A 260 34.32 11.74 -14.59
C VAL A 260 33.59 12.13 -15.87
N ASN A 261 33.01 11.15 -16.55
CA ASN A 261 32.50 11.31 -17.92
C ASN A 261 33.48 12.06 -18.82
N GLY A 262 34.77 12.01 -18.49
CA GLY A 262 35.79 12.64 -19.30
C GLY A 262 36.38 13.93 -18.75
N LEU A 263 35.77 14.56 -17.75
CA LEU A 263 36.32 15.84 -17.29
C LEU A 263 36.72 15.80 -15.83
N SER A 264 37.52 16.81 -15.48
CA SER A 264 37.99 17.05 -14.11
C SER A 264 37.32 18.24 -13.46
N SER A 265 36.81 19.18 -14.25
CA SER A 265 35.99 20.24 -13.68
C SER A 265 34.69 19.65 -13.17
N ARG A 266 34.04 20.37 -12.25
CA ARG A 266 32.76 19.97 -11.73
C ARG A 266 31.79 21.12 -11.87
N MET A 267 30.51 20.79 -11.68
CA MET A 267 29.43 21.76 -11.65
C MET A 267 28.46 21.42 -10.53
N GLU A 268 28.27 22.37 -9.63
CA GLU A 268 27.46 22.17 -8.44
C GLU A 268 26.17 22.93 -8.63
N PHE A 269 25.04 22.29 -8.34
CA PHE A 269 23.74 22.91 -8.53
C PHE A 269 23.00 23.14 -7.21
N PHE A 270 22.13 24.14 -7.25
CA PHE A 270 21.34 24.53 -6.10
C PHE A 270 19.91 24.70 -6.56
N TRP A 271 19.02 24.91 -5.60
CA TRP A 271 17.63 25.03 -5.96
C TRP A 271 16.92 25.73 -4.82
N THR A 272 15.78 26.32 -5.16
CA THR A 272 14.95 26.99 -4.18
C THR A 272 13.54 27.03 -4.71
N ILE A 273 12.61 27.21 -3.79
CA ILE A 273 11.21 27.47 -4.10
C ILE A 273 10.99 28.96 -3.89
N LEU A 274 10.62 29.65 -4.97
CA LEU A 274 10.27 31.06 -4.93
C LEU A 274 8.75 31.20 -4.77
N ARG A 275 8.30 31.73 -3.62
CA ARG A 275 6.88 31.93 -3.30
C ARG A 275 6.25 33.02 -4.17
N PRO A 276 4.91 33.06 -4.24
CA PRO A 276 4.26 34.09 -5.08
C PRO A 276 4.45 35.48 -4.51
N ASN A 277 4.63 36.44 -5.43
CA ASN A 277 4.94 37.84 -5.16
C ASN A 277 6.28 38.02 -4.45
N ASP A 278 7.12 36.99 -4.47
CA ASP A 278 8.51 37.18 -4.10
C ASP A 278 9.38 37.19 -5.35
N SER A 279 10.54 37.78 -5.22
CA SER A 279 11.45 37.87 -6.34
C SER A 279 12.75 37.21 -5.94
N ILE A 280 13.57 36.95 -6.95
CA ILE A 280 14.90 36.42 -6.76
C ILE A 280 15.83 37.27 -7.62
N THR A 281 17.02 37.55 -7.11
CA THR A 281 18.01 38.24 -7.92
C THR A 281 19.34 37.52 -7.81
N PHE A 282 19.93 37.23 -8.98
CA PHE A 282 21.25 36.62 -9.10
C PHE A 282 22.23 37.70 -9.45
N GLU A 283 23.42 37.65 -8.86
CA GLU A 283 24.52 38.54 -9.20
C GLU A 283 25.78 37.70 -9.26
N SER A 284 26.55 37.84 -10.34
CA SER A 284 27.76 37.05 -10.48
C SER A 284 28.76 37.77 -11.36
N THR A 285 30.04 37.49 -11.10
CA THR A 285 31.12 37.97 -11.96
C THR A 285 31.76 36.84 -12.77
N GLY A 286 31.29 35.61 -12.59
CA GLY A 286 31.75 34.49 -13.40
C GLY A 286 31.22 33.18 -12.85
N ASN A 287 31.43 32.12 -13.64
CA ASN A 287 31.14 30.74 -13.26
C ASN A 287 29.66 30.48 -13.03
N PHE A 288 28.78 31.32 -13.55
CA PHE A 288 27.39 31.23 -13.16
C PHE A 288 26.60 30.46 -14.21
N ILE A 289 25.96 29.37 -13.79
CA ILE A 289 25.12 28.54 -14.65
C ILE A 289 23.67 28.99 -14.43
N ALA A 290 23.13 29.85 -15.40
CA ALA A 290 21.90 30.59 -15.19
C ALA A 290 20.67 29.70 -15.44
N PRO A 291 19.58 29.93 -14.73
CA PRO A 291 18.32 29.28 -15.10
C PRO A 291 17.73 29.98 -16.32
N GLU A 292 17.16 29.20 -17.24
CA GLU A 292 16.32 29.75 -18.29
C GLU A 292 14.85 29.50 -17.97
N TYR A 293 14.55 28.27 -17.58
CA TYR A 293 13.20 27.81 -17.30
C TYR A 293 13.06 27.54 -15.81
N ALA A 294 11.90 27.89 -15.26
CA ALA A 294 11.48 27.48 -13.93
C ALA A 294 10.33 26.51 -14.02
N TYR A 295 10.05 25.84 -12.92
CA TYR A 295 8.95 24.89 -12.84
C TYR A 295 7.85 25.44 -11.94
N LYS A 296 6.71 25.76 -12.54
CA LYS A 296 5.47 25.97 -11.78
C LYS A 296 5.05 24.69 -11.07
N ILE A 297 4.88 24.77 -9.76
CA ILE A 297 4.27 23.66 -9.03
C ILE A 297 2.75 23.81 -9.10
N VAL A 298 2.11 23.19 -10.06
CA VAL A 298 0.71 23.56 -10.33
C VAL A 298 -0.31 22.64 -9.64
N LYS A 299 0.09 21.44 -9.21
CA LYS A 299 -0.78 20.50 -8.51
C LYS A 299 0.06 19.79 -7.44
N LYS A 300 -0.26 20.03 -6.17
CA LYS A 300 0.26 19.24 -5.07
C LYS A 300 -0.79 18.20 -4.66
N GLY A 301 -0.31 17.11 -4.05
CA GLY A 301 -1.18 16.03 -3.60
C GLY A 301 -0.38 14.75 -3.36
N ASP A 302 -1.09 13.62 -3.36
CA ASP A 302 -0.46 12.33 -3.09
C ASP A 302 0.34 11.85 -4.30
N SER A 303 1.65 11.76 -4.14
CA SER A 303 2.49 11.16 -5.18
C SER A 303 3.61 10.36 -4.51
N ALA A 304 4.55 9.87 -5.31
CA ALA A 304 5.57 8.94 -4.88
C ALA A 304 6.66 8.86 -5.94
N ILE A 305 7.89 8.56 -5.52
CA ILE A 305 8.96 8.25 -6.47
C ILE A 305 9.32 6.79 -6.22
N MET A 306 8.87 5.95 -7.13
CA MET A 306 9.02 4.50 -7.04
C MET A 306 10.26 4.09 -7.80
N LYS A 307 11.19 3.43 -7.12
CA LYS A 307 12.31 2.82 -7.82
C LYS A 307 11.82 1.50 -8.41
N SER A 308 11.88 1.39 -9.72
CA SER A 308 11.50 0.16 -10.41
C SER A 308 12.22 0.08 -11.74
N GLU A 309 12.52 -1.15 -12.15
CA GLU A 309 13.15 -1.44 -13.43
C GLU A 309 12.16 -1.65 -14.56
N LEU A 310 10.89 -1.91 -14.25
CA LEU A 310 9.91 -2.20 -15.28
C LEU A 310 9.59 -0.94 -16.10
N SER A 311 8.76 -1.13 -17.13
CA SER A 311 8.34 -0.06 -18.01
C SER A 311 6.82 -0.08 -18.11
N TYR A 312 6.27 0.98 -18.67
CA TYR A 312 4.83 1.14 -18.71
C TYR A 312 4.18 0.10 -19.64
N SER A 313 2.95 -0.31 -19.28
CA SER A 313 2.11 -1.14 -20.11
C SER A 313 0.72 -0.50 -20.16
N ASN A 314 -0.10 -0.91 -21.14
CA ASN A 314 -1.46 -0.38 -21.21
C ASN A 314 -2.32 -1.17 -20.21
N CYS A 315 -2.51 -0.58 -19.04
CA CYS A 315 -2.97 -1.27 -17.84
C CYS A 315 -3.32 -0.22 -16.79
N ASP A 316 -4.34 -0.49 -15.94
CA ASP A 316 -4.75 0.42 -14.87
C ASP A 316 -4.94 -0.37 -13.56
N THR A 317 -4.71 0.28 -12.42
CA THR A 317 -4.85 -0.38 -11.11
C THR A 317 -5.37 0.59 -10.07
N LYS A 318 -5.79 0.04 -8.93
CA LYS A 318 -5.96 0.80 -7.70
C LYS A 318 -4.71 0.79 -6.83
N CYS A 319 -3.72 -0.04 -7.16
CA CYS A 319 -2.58 -0.25 -6.27
C CYS A 319 -1.36 -0.71 -7.07
N GLN A 320 -0.28 0.05 -6.98
CA GLN A 320 0.96 -0.31 -7.64
C GLN A 320 2.09 -0.50 -6.64
N THR A 321 2.89 -1.53 -6.89
CA THR A 321 4.13 -1.84 -6.19
C THR A 321 5.23 -1.79 -7.23
N PRO A 322 6.50 -1.69 -6.80
CA PRO A 322 7.59 -1.62 -7.79
C PRO A 322 7.75 -2.86 -8.65
N VAL A 323 7.31 -4.04 -8.21
CA VAL A 323 7.44 -5.24 -9.02
C VAL A 323 6.13 -5.65 -9.68
N GLY A 324 5.10 -4.80 -9.62
CA GLY A 324 3.83 -5.07 -10.26
C GLY A 324 2.65 -4.52 -9.48
N ALA A 325 1.45 -4.66 -10.05
CA ALA A 325 0.24 -4.07 -9.48
C ALA A 325 -0.59 -5.14 -8.78
N ILE A 326 -1.47 -4.69 -7.87
CA ILE A 326 -2.24 -5.55 -6.97
C ILE A 326 -3.73 -5.44 -7.27
N ASN A 327 -4.43 -6.59 -7.18
CA ASN A 327 -5.89 -6.68 -7.23
C ASN A 327 -6.43 -6.37 -5.84
N SER A 328 -6.50 -5.06 -5.54
CA SER A 328 -6.70 -4.54 -4.19
C SER A 328 -8.02 -4.92 -3.52
N SER A 329 -8.51 -6.16 -3.72
CA SER A 329 -9.79 -6.56 -3.13
C SER A 329 -9.64 -7.04 -1.70
N MET A 330 -8.60 -7.82 -1.41
CA MET A 330 -8.44 -8.38 -0.08
C MET A 330 -7.77 -7.38 0.87
N PRO A 331 -7.92 -7.58 2.18
CA PRO A 331 -7.51 -6.51 3.12
C PRO A 331 -6.02 -6.45 3.40
N PHE A 332 -5.30 -7.55 3.19
CA PHE A 332 -3.86 -7.61 3.40
C PHE A 332 -3.20 -8.19 2.18
N HIS A 333 -1.94 -7.81 2.00
CA HIS A 333 -1.10 -8.38 0.97
C HIS A 333 0.30 -8.53 1.53
N ASN A 334 1.13 -9.30 0.83
CA ASN A 334 2.53 -9.40 1.22
C ASN A 334 3.46 -9.23 0.02
N VAL A 335 2.99 -8.57 -1.06
CA VAL A 335 3.75 -8.51 -2.31
C VAL A 335 5.01 -7.64 -2.16
N HIS A 336 4.85 -6.46 -1.57
CA HIS A 336 5.91 -5.48 -1.46
C HIS A 336 5.56 -4.42 -0.42
N PRO A 337 6.50 -3.95 0.40
CA PRO A 337 6.16 -2.89 1.38
C PRO A 337 5.93 -1.51 0.78
N PHE A 338 6.42 -1.22 -0.44
CA PHE A 338 6.33 0.16 -0.90
C PHE A 338 5.27 0.31 -1.98
N ALA A 339 4.05 -0.08 -1.64
CA ALA A 339 2.89 -0.01 -2.52
C ALA A 339 2.12 1.28 -2.27
N ILE A 340 1.56 1.84 -3.36
CA ILE A 340 0.89 3.13 -3.34
C ILE A 340 -0.46 2.99 -4.06
N GLY A 341 -1.36 3.91 -3.74
CA GLY A 341 -2.73 3.83 -4.21
C GLY A 341 -3.70 3.56 -3.08
N GLU A 342 -4.85 3.03 -3.45
CA GLU A 342 -5.78 2.51 -2.43
C GLU A 342 -5.39 1.05 -2.29
N CYS A 343 -4.65 0.73 -1.22
CA CYS A 343 -4.03 -0.58 -1.18
C CYS A 343 -4.47 -1.38 0.03
N PRO A 344 -4.40 -2.71 -0.06
CA PRO A 344 -4.48 -3.53 1.15
C PRO A 344 -3.27 -3.24 2.04
N LYS A 345 -3.39 -3.57 3.31
CA LYS A 345 -2.31 -3.27 4.24
C LYS A 345 -1.28 -4.40 4.28
N TYR A 346 0.00 -4.02 4.34
CA TYR A 346 1.09 -4.95 4.11
C TYR A 346 1.49 -5.67 5.40
N VAL A 347 1.57 -7.00 5.34
CA VAL A 347 2.00 -7.83 6.46
C VAL A 347 3.00 -8.83 5.92
N LYS A 348 3.99 -9.19 6.74
CA LYS A 348 5.02 -10.16 6.32
C LYS A 348 4.61 -11.55 6.86
N LEU A 349 3.73 -12.19 6.07
CA LEU A 349 3.18 -13.50 6.36
C LEU A 349 3.12 -14.27 5.06
N LYS A 350 2.97 -15.59 5.15
CA LYS A 350 2.74 -16.40 3.98
C LYS A 350 1.27 -16.77 3.80
N LYS A 351 0.50 -16.81 4.89
CA LYS A 351 -0.93 -17.12 4.82
C LYS A 351 -1.67 -16.36 5.91
N LEU A 352 -2.94 -16.07 5.66
CA LEU A 352 -3.77 -15.44 6.70
C LEU A 352 -5.24 -15.74 6.39
N VAL A 353 -5.80 -16.76 7.07
CA VAL A 353 -7.13 -17.29 6.77
C VAL A 353 -8.04 -17.16 7.98
N LEU A 354 -9.11 -16.39 7.81
CA LEU A 354 -10.17 -16.26 8.81
C LEU A 354 -11.07 -17.50 8.81
N ALA A 355 -11.41 -18.00 9.99
CA ALA A 355 -12.45 -19.01 10.09
C ALA A 355 -13.81 -18.32 10.20
N THR A 356 -14.81 -18.89 9.54
CA THR A 356 -16.17 -18.37 9.61
C THR A 356 -17.23 -19.40 9.96
N GLY A 357 -16.96 -20.70 9.78
CA GLY A 357 -17.92 -21.75 10.08
C GLY A 357 -17.32 -22.84 10.94
N LEU A 358 -18.16 -23.86 11.18
CA LEU A 358 -17.85 -25.12 11.86
C LEU A 358 -16.48 -25.70 11.51
N ARG A 359 -15.91 -26.55 12.37
CA ARG A 359 -14.93 -27.50 11.87
C ARG A 359 -15.65 -28.53 11.01
N ASN A 360 -14.90 -29.46 10.42
CA ASN A 360 -15.51 -30.51 9.61
C ASN A 360 -15.14 -31.88 10.15
N ILE A 361 -16.13 -32.54 10.76
CA ILE A 361 -16.16 -33.94 11.19
C ILE A 361 -14.85 -34.71 11.04
N GLY A 371 -17.59 -41.27 9.14
CA GLY A 371 -18.81 -40.48 9.06
C GLY A 371 -18.96 -39.57 10.26
N ALA A 372 -20.21 -39.33 10.65
CA ALA A 372 -20.50 -38.50 11.82
C ALA A 372 -21.94 -38.74 12.30
N ILE A 373 -22.21 -39.95 12.78
CA ILE A 373 -23.57 -40.50 12.91
C ILE A 373 -24.21 -40.11 14.23
N ALA A 374 -25.53 -39.83 14.17
CA ALA A 374 -26.43 -39.77 15.32
C ALA A 374 -25.98 -38.79 16.41
N GLY A 375 -26.39 -37.53 16.31
CA GLY A 375 -26.16 -36.54 17.35
C GLY A 375 -24.87 -35.75 17.19
N PHE A 376 -24.75 -34.68 17.98
CA PHE A 376 -23.62 -33.76 17.82
C PHE A 376 -22.33 -34.28 18.45
N ILE A 377 -22.40 -35.16 19.46
CA ILE A 377 -21.19 -35.62 20.13
C ILE A 377 -20.25 -36.35 19.16
N GLU A 378 -20.78 -36.86 18.05
CA GLU A 378 -20.01 -37.71 17.14
C GLU A 378 -19.66 -37.02 15.82
N GLY A 379 -20.02 -35.77 15.63
CA GLY A 379 -19.67 -35.05 14.42
C GLY A 379 -20.88 -34.38 13.81
N GLY A 380 -20.67 -33.80 12.63
CA GLY A 380 -21.69 -33.05 11.93
C GLY A 380 -22.24 -33.75 10.72
N TRP A 381 -23.40 -33.30 10.25
CA TRP A 381 -24.19 -34.04 9.27
C TRP A 381 -24.11 -33.36 7.91
N GLN A 382 -23.42 -34.01 6.98
CA GLN A 382 -23.40 -33.56 5.59
C GLN A 382 -24.81 -33.42 5.01
N GLY A 383 -25.80 -34.08 5.63
CA GLY A 383 -27.20 -34.08 5.19
C GLY A 383 -27.99 -32.83 5.51
N MET A 384 -27.49 -31.98 6.40
CA MET A 384 -28.04 -30.65 6.63
C MET A 384 -27.39 -29.67 5.66
N VAL A 385 -28.20 -28.80 5.04
CA VAL A 385 -27.72 -28.05 3.87
C VAL A 385 -28.05 -26.55 3.94
N ASP A 386 -29.28 -26.19 4.30
CA ASP A 386 -29.68 -24.78 4.41
C ASP A 386 -29.72 -24.34 5.88
N GLY A 387 -28.55 -24.45 6.52
CA GLY A 387 -28.40 -24.08 7.91
C GLY A 387 -27.12 -24.64 8.51
N TRP A 388 -26.67 -24.08 9.62
CA TRP A 388 -25.45 -24.56 10.25
C TRP A 388 -25.73 -25.55 11.38
N TYR A 389 -26.65 -25.21 12.27
CA TYR A 389 -27.13 -26.10 13.31
C TYR A 389 -28.58 -26.47 13.06
N GLY A 390 -28.98 -27.64 13.52
CA GLY A 390 -30.35 -28.08 13.31
C GLY A 390 -30.73 -29.36 14.01
N TYR A 391 -31.66 -30.10 13.42
CA TYR A 391 -32.29 -31.25 14.06
C TYR A 391 -32.36 -32.43 13.09
N HIS A 392 -32.95 -33.54 13.57
CA HIS A 392 -33.24 -34.73 12.76
C HIS A 392 -34.49 -35.39 13.35
N HIS A 393 -35.55 -35.52 12.53
CA HIS A 393 -36.88 -35.93 12.98
C HIS A 393 -36.94 -37.34 13.54
N SER A 394 -36.81 -38.35 12.68
CA SER A 394 -37.02 -39.75 13.07
C SER A 394 -38.38 -39.90 13.76
N ASN A 395 -39.44 -40.07 12.96
CA ASN A 395 -40.80 -39.99 13.44
C ASN A 395 -41.58 -41.21 12.97
N GLU A 396 -42.80 -41.36 13.51
CA GLU A 396 -43.84 -42.23 12.99
C GLU A 396 -43.99 -42.08 11.47
N GLN A 397 -43.61 -40.90 10.97
CA GLN A 397 -43.81 -40.53 9.58
C GLN A 397 -42.56 -39.86 9.03
N GLY A 398 -41.84 -39.15 9.89
CA GLY A 398 -40.74 -38.32 9.44
C GLY A 398 -39.46 -39.09 9.17
N SER A 399 -38.51 -38.37 8.58
CA SER A 399 -37.15 -38.88 8.38
C SER A 399 -36.17 -38.03 9.18
N GLY A 400 -35.93 -36.79 8.78
CA GLY A 400 -35.13 -35.90 9.60
C GLY A 400 -34.59 -34.71 8.83
N TYR A 401 -33.63 -34.05 9.47
CA TYR A 401 -32.77 -33.02 8.88
C TYR A 401 -33.50 -31.69 8.67
N ALA A 402 -33.90 -31.04 9.76
CA ALA A 402 -34.41 -29.68 9.75
C ALA A 402 -33.42 -28.78 10.47
N ALA A 403 -33.21 -27.57 9.92
CA ALA A 403 -32.23 -26.64 10.43
C ALA A 403 -32.89 -25.59 11.34
N ASP A 404 -32.21 -25.27 12.44
CA ASP A 404 -32.67 -24.23 13.39
C ASP A 404 -32.16 -22.88 12.92
N LYS A 405 -32.96 -22.18 12.12
CA LYS A 405 -32.45 -20.96 11.50
C LYS A 405 -32.50 -19.76 12.44
N GLU A 406 -33.26 -19.84 13.55
CA GLU A 406 -33.27 -18.69 14.45
C GLU A 406 -31.94 -18.55 15.20
N SER A 407 -31.14 -19.59 15.24
CA SER A 407 -29.76 -19.49 15.70
C SER A 407 -28.74 -19.72 14.59
N THR A 408 -29.17 -20.03 13.37
CA THR A 408 -28.24 -20.19 12.25
C THR A 408 -27.95 -18.86 11.56
N GLN A 409 -28.97 -18.05 11.29
CA GLN A 409 -28.64 -16.71 10.80
C GLN A 409 -28.21 -15.79 11.94
N LYS A 410 -28.67 -16.04 13.17
CA LYS A 410 -28.08 -15.39 14.35
C LYS A 410 -26.57 -15.62 14.39
N ALA A 411 -26.08 -16.75 13.85
CA ALA A 411 -24.64 -17.01 13.78
C ALA A 411 -24.01 -16.35 12.56
N VAL A 412 -24.57 -16.53 11.36
CA VAL A 412 -24.03 -15.84 10.19
C VAL A 412 -24.15 -14.33 10.34
N ASP A 413 -24.98 -13.85 11.27
CA ASP A 413 -25.09 -12.43 11.61
C ASP A 413 -23.81 -11.88 12.23
N GLY A 414 -23.47 -12.35 13.43
CA GLY A 414 -22.37 -11.78 14.21
C GLY A 414 -20.97 -12.17 13.77
N ILE A 415 -20.82 -13.12 12.85
CA ILE A 415 -19.50 -13.46 12.32
C ILE A 415 -19.21 -12.67 11.05
N THR A 416 -20.17 -12.57 10.13
CA THR A 416 -19.98 -11.63 9.02
C THR A 416 -19.98 -10.18 9.52
N ASN A 417 -20.55 -9.92 10.71
CA ASN A 417 -20.39 -8.65 11.42
C ASN A 417 -19.05 -8.59 12.17
N LYS A 418 -18.57 -9.72 12.67
CA LYS A 418 -17.22 -9.77 13.23
C LYS A 418 -16.18 -9.68 12.12
N VAL A 419 -16.46 -10.27 10.94
CA VAL A 419 -15.46 -10.35 9.87
C VAL A 419 -15.02 -8.96 9.43
N ASN A 420 -15.97 -8.14 8.99
CA ASN A 420 -15.59 -6.81 8.51
C ASN A 420 -15.23 -5.87 9.66
N SER A 421 -15.72 -6.11 10.88
CA SER A 421 -15.21 -5.39 12.05
C SER A 421 -13.71 -5.56 12.18
N ILE A 422 -13.22 -6.76 11.87
CA ILE A 422 -11.79 -7.03 11.92
C ILE A 422 -11.05 -6.23 10.85
N ILE A 423 -11.54 -6.28 9.60
CA ILE A 423 -10.89 -5.57 8.50
C ILE A 423 -10.79 -4.08 8.77
N SER A 424 -11.82 -3.50 9.39
CA SER A 424 -11.88 -2.06 9.58
C SER A 424 -11.06 -1.58 10.76
N LYS A 425 -10.72 -2.44 11.72
CA LYS A 425 -9.96 -1.83 12.81
C LYS A 425 -8.48 -1.64 12.47
N MET A 426 -8.02 -2.18 11.35
CA MET A 426 -6.73 -1.84 10.78
C MET A 426 -6.82 -0.76 9.72
N ASN A 427 -7.97 -0.05 9.64
CA ASN A 427 -8.09 1.06 8.70
C ASN A 427 -6.93 2.03 8.83
N SER A 428 -6.39 2.18 10.04
CA SER A 428 -5.38 3.18 10.37
C SER A 428 -3.98 2.59 10.46
N GLN A 429 -3.76 1.40 9.90
CA GLN A 429 -2.47 0.74 10.02
C GLN A 429 -1.43 1.41 9.14
N PHE A 430 -0.19 1.38 9.65
CA PHE A 430 0.98 2.00 9.03
C PHE A 430 1.12 1.62 7.56
N GLU A 431 1.16 2.64 6.69
CA GLU A 431 1.58 2.50 5.30
C GLU A 431 2.97 3.13 5.15
N ALA A 432 3.92 2.37 4.59
CA ALA A 432 5.28 2.86 4.41
C ALA A 432 5.36 3.92 3.30
N VAL A 433 6.38 4.78 3.40
CA VAL A 433 6.58 5.92 2.50
C VAL A 433 8.03 5.95 2.05
N GLY A 434 8.25 6.12 0.76
CA GLY A 434 9.60 6.10 0.22
C GLY A 434 10.37 7.38 0.53
N LYS A 435 11.65 7.21 0.87
CA LYS A 435 12.59 8.32 1.07
C LYS A 435 14.00 7.88 0.71
N GLU A 436 14.85 8.86 0.37
CA GLU A 436 16.24 8.61 0.00
C GLU A 436 17.17 9.41 0.90
N PHE A 437 18.40 8.92 1.01
CA PHE A 437 19.40 9.57 1.87
C PHE A 437 20.78 9.45 1.25
N ASN A 438 21.60 10.49 1.46
CA ASN A 438 22.91 10.50 0.82
C ASN A 438 23.96 9.87 1.74
N ASN A 439 25.15 9.59 1.17
CA ASN A 439 26.15 8.75 1.85
C ASN A 439 26.58 9.30 3.22
N LEU A 440 26.24 10.56 3.53
CA LEU A 440 26.54 11.15 4.83
C LEU A 440 25.32 11.24 5.72
N GLU A 441 24.22 10.61 5.31
CA GLU A 441 23.07 10.48 6.19
C GLU A 441 22.70 9.03 6.44
N ARG A 442 23.70 8.20 6.77
CA ARG A 442 23.39 6.80 7.03
C ARG A 442 22.53 6.65 8.28
N ARG A 443 22.94 7.25 9.40
CA ARG A 443 22.19 7.15 10.66
C ARG A 443 20.68 7.40 10.48
N ILE A 444 20.29 8.49 9.82
CA ILE A 444 18.86 8.70 9.69
C ILE A 444 18.24 7.69 8.72
N GLU A 445 18.96 7.34 7.65
CA GLU A 445 18.43 6.32 6.75
C GLU A 445 18.14 5.03 7.54
N ASN A 446 19.02 4.70 8.49
CA ASN A 446 18.78 3.54 9.33
C ASN A 446 17.67 3.79 10.33
N LEU A 447 17.68 4.96 10.98
CA LEU A 447 16.51 5.38 11.74
C LEU A 447 15.24 5.17 10.93
N ASN A 448 15.16 5.79 9.75
CA ASN A 448 13.98 5.60 8.90
C ASN A 448 13.72 4.13 8.61
N LYS A 449 14.76 3.33 8.35
CA LYS A 449 14.53 1.93 8.00
C LYS A 449 14.00 1.17 9.18
N LYS A 450 14.60 1.38 10.37
CA LYS A 450 14.13 0.72 11.58
C LYS A 450 12.71 1.11 11.92
N MET A 451 12.34 2.36 11.68
CA MET A 451 10.98 2.76 11.97
C MET A 451 10.00 1.99 11.11
N GLU A 452 10.28 1.87 9.81
CA GLU A 452 9.32 1.27 8.89
C GLU A 452 9.28 -0.25 9.03
N ASP A 453 10.45 -0.90 9.21
CA ASP A 453 10.43 -2.31 9.60
C ASP A 453 9.75 -2.49 10.94
N GLY A 454 10.04 -1.61 11.89
CA GLY A 454 9.41 -1.63 13.20
C GLY A 454 7.90 -1.70 13.13
N PHE A 455 7.27 -0.73 12.46
CA PHE A 455 5.81 -0.72 12.40
C PHE A 455 5.28 -1.93 11.62
N ILE A 456 5.94 -2.33 10.53
CA ILE A 456 5.45 -3.49 9.78
C ILE A 456 5.45 -4.72 10.66
N ASP A 457 6.51 -4.91 11.46
CA ASP A 457 6.57 -6.03 12.38
C ASP A 457 5.39 -5.99 13.37
N VAL A 458 5.15 -4.82 13.98
CA VAL A 458 4.04 -4.66 14.91
C VAL A 458 2.73 -5.03 14.24
N TRP A 459 2.41 -4.37 13.12
CA TRP A 459 1.14 -4.61 12.45
C TRP A 459 1.06 -6.03 11.88
N THR A 460 2.20 -6.65 11.60
CA THR A 460 2.12 -8.04 11.16
C THR A 460 1.75 -8.93 12.33
N TYR A 461 2.34 -8.66 13.49
CA TYR A 461 1.96 -9.35 14.73
C TYR A 461 0.49 -9.12 15.04
N ASN A 462 0.05 -7.86 15.04
CA ASN A 462 -1.35 -7.56 15.28
C ASN A 462 -2.28 -8.36 14.37
N ALA A 463 -2.06 -8.28 13.05
CA ALA A 463 -2.95 -8.97 12.13
C ALA A 463 -3.02 -10.45 12.43
N GLU A 464 -1.85 -11.09 12.65
CA GLU A 464 -1.87 -12.52 12.90
C GLU A 464 -2.61 -12.84 14.20
N LEU A 465 -2.23 -12.19 15.30
CA LEU A 465 -2.85 -12.46 16.59
C LEU A 465 -4.35 -12.19 16.56
N LEU A 466 -4.82 -11.31 15.69
CA LEU A 466 -6.25 -11.05 15.60
C LEU A 466 -6.98 -12.21 14.96
N VAL A 467 -6.44 -12.74 13.86
CA VAL A 467 -7.06 -13.88 13.19
C VAL A 467 -6.98 -15.11 14.08
N LEU A 468 -5.77 -15.45 14.54
CA LEU A 468 -5.58 -16.60 15.40
C LEU A 468 -6.53 -16.58 16.58
N MET A 469 -6.83 -15.39 17.10
CA MET A 469 -7.56 -15.37 18.36
C MET A 469 -9.06 -15.47 18.14
N GLU A 470 -9.62 -14.66 17.25
CA GLU A 470 -11.06 -14.84 17.11
C GLU A 470 -11.42 -15.90 16.06
N ASN A 471 -10.42 -16.54 15.46
CA ASN A 471 -10.64 -17.90 14.94
C ASN A 471 -10.95 -18.88 16.07
N GLU A 472 -10.18 -18.84 17.17
CA GLU A 472 -10.46 -19.73 18.28
C GLU A 472 -11.81 -19.40 18.92
N ARG A 473 -12.25 -18.15 18.86
CA ARG A 473 -13.54 -17.82 19.43
C ARG A 473 -14.68 -17.96 18.43
N THR A 474 -14.39 -17.96 17.12
CA THR A 474 -15.41 -18.30 16.14
C THR A 474 -15.79 -19.77 16.26
N LEU A 475 -14.79 -20.65 16.35
CA LEU A 475 -15.07 -22.07 16.58
C LEU A 475 -15.67 -22.29 17.96
N ASP A 476 -15.07 -21.72 19.01
CA ASP A 476 -15.62 -21.87 20.36
C ASP A 476 -17.05 -21.37 20.45
N LEU A 477 -17.47 -20.52 19.50
CA LEU A 477 -18.86 -20.09 19.43
C LEU A 477 -19.73 -21.19 18.83
N HIS A 478 -19.29 -21.79 17.73
CA HIS A 478 -20.06 -22.85 17.08
C HIS A 478 -20.36 -23.98 18.05
N ASP A 479 -19.34 -24.48 18.74
CA ASP A 479 -19.55 -25.47 19.80
C ASP A 479 -20.62 -24.99 20.77
N SER A 480 -20.45 -23.77 21.29
CA SER A 480 -21.40 -23.22 22.25
C SER A 480 -22.81 -23.11 21.64
N ASN A 481 -22.89 -22.93 20.33
CA ASN A 481 -24.19 -22.79 19.67
C ASN A 481 -24.90 -24.13 19.51
N VAL A 482 -24.17 -25.18 19.13
CA VAL A 482 -24.74 -26.52 19.14
C VAL A 482 -25.14 -26.92 20.55
N LYS A 483 -24.24 -26.72 21.52
CA LYS A 483 -24.51 -27.09 22.91
C LYS A 483 -25.72 -26.35 23.49
N ASN A 484 -26.09 -25.19 22.93
CA ASN A 484 -27.24 -24.45 23.43
C ASN A 484 -28.52 -24.81 22.71
N LEU A 485 -28.45 -25.13 21.42
CA LEU A 485 -29.56 -25.80 20.76
C LEU A 485 -30.03 -27.00 21.56
N TYR A 486 -29.07 -27.85 21.97
CA TYR A 486 -29.40 -29.05 22.75
C TYR A 486 -30.13 -28.70 24.02
N ASP A 487 -29.68 -27.66 24.73
CA ASP A 487 -30.29 -27.36 26.02
C ASP A 487 -31.68 -26.74 25.87
N LYS A 488 -31.95 -26.05 24.76
CA LYS A 488 -33.29 -25.49 24.58
C LYS A 488 -34.32 -26.58 24.27
N VAL A 489 -33.92 -27.71 23.67
CA VAL A 489 -34.88 -28.80 23.49
C VAL A 489 -35.03 -29.62 24.76
N ARG A 490 -33.93 -29.82 25.52
CA ARG A 490 -34.00 -30.53 26.79
C ARG A 490 -34.80 -29.75 27.82
N ARG A 491 -34.65 -28.42 27.86
CA ARG A 491 -35.40 -27.60 28.80
C ARG A 491 -36.90 -27.57 28.52
N GLN A 492 -37.35 -28.09 27.37
CA GLN A 492 -38.78 -28.18 27.07
C GLN A 492 -39.28 -29.61 27.20
N LEU A 493 -38.75 -30.54 26.40
CA LEU A 493 -38.95 -31.97 26.62
C LEU A 493 -38.23 -32.39 27.88
N ARG A 494 -38.91 -32.39 29.02
CA ARG A 494 -38.21 -32.73 30.24
C ARG A 494 -38.50 -34.19 30.62
N ASP A 495 -39.60 -34.42 31.34
CA ASP A 495 -39.92 -35.78 31.77
C ASP A 495 -40.24 -36.67 30.59
N ASN A 496 -40.80 -36.08 29.53
CA ASN A 496 -41.38 -36.87 28.43
C ASN A 496 -40.34 -37.40 27.45
N ALA A 497 -39.08 -37.49 27.87
CA ALA A 497 -38.03 -37.95 26.97
C ALA A 497 -36.81 -38.37 27.78
N LYS A 498 -36.05 -39.30 27.21
CA LYS A 498 -34.85 -39.85 27.84
C LYS A 498 -33.61 -39.39 27.09
N GLU A 499 -32.65 -38.80 27.81
CA GLU A 499 -31.42 -38.33 27.20
C GLU A 499 -30.53 -39.51 26.81
N LEU A 500 -30.23 -39.63 25.53
CA LEU A 500 -29.53 -40.79 25.01
C LEU A 500 -28.02 -40.70 25.15
N GLY A 501 -27.48 -39.55 25.59
CA GLY A 501 -26.05 -39.36 25.74
C GLY A 501 -25.29 -39.17 24.45
N ASN A 502 -25.96 -39.29 23.31
CA ASN A 502 -25.35 -39.08 22.01
C ASN A 502 -25.74 -37.75 21.39
N GLY A 503 -26.41 -36.88 22.16
CA GLY A 503 -27.01 -35.69 21.60
C GLY A 503 -28.40 -35.87 21.03
N CYS A 504 -29.01 -37.06 21.17
CA CYS A 504 -30.39 -37.33 20.79
C CYS A 504 -31.24 -37.63 22.02
N PHE A 505 -32.57 -37.48 21.86
CA PHE A 505 -33.55 -37.84 22.88
C PHE A 505 -34.57 -38.81 22.30
N GLU A 506 -35.02 -39.78 23.11
CA GLU A 506 -36.12 -40.67 22.76
C GLU A 506 -37.35 -40.28 23.55
N PHE A 507 -38.50 -40.27 22.88
CA PHE A 507 -39.73 -39.78 23.49
C PHE A 507 -40.52 -40.90 24.17
N TYR A 508 -40.84 -40.69 25.44
CA TYR A 508 -41.76 -41.49 26.22
C TYR A 508 -43.22 -41.27 25.82
N HIS A 509 -43.48 -40.49 24.78
CA HIS A 509 -44.84 -40.18 24.34
C HIS A 509 -44.92 -40.35 22.84
N ARG A 510 -46.13 -40.13 22.31
CA ARG A 510 -46.29 -39.98 20.87
C ARG A 510 -45.92 -38.55 20.49
N CYS A 511 -45.08 -38.42 19.46
CA CYS A 511 -44.48 -37.13 19.13
C CYS A 511 -45.42 -36.27 18.27
N ASP A 512 -45.55 -36.62 16.98
CA ASP A 512 -46.36 -35.94 15.97
C ASP A 512 -45.48 -34.92 15.27
N ASN A 513 -45.58 -34.86 13.93
CA ASN A 513 -44.76 -33.92 13.15
C ASN A 513 -45.03 -32.47 13.57
N LYS A 514 -46.31 -32.11 13.72
CA LYS A 514 -46.67 -30.75 14.11
C LYS A 514 -46.42 -30.47 15.58
N CYS A 515 -45.96 -31.45 16.36
CA CYS A 515 -45.45 -31.21 17.70
C CYS A 515 -43.93 -31.14 17.76
N MET A 516 -43.23 -31.63 16.75
CA MET A 516 -41.79 -31.48 16.67
C MET A 516 -41.38 -30.21 15.92
N GLU A 517 -42.34 -29.43 15.42
CA GLU A 517 -42.01 -28.03 15.35
C GLU A 517 -42.33 -27.30 16.65
N SER A 518 -43.14 -27.87 17.52
CA SER A 518 -43.31 -27.27 18.84
C SER A 518 -41.97 -27.20 19.59
N VAL A 519 -41.06 -28.15 19.36
CA VAL A 519 -39.76 -28.11 20.03
C VAL A 519 -38.77 -27.21 19.28
N ARG A 520 -38.89 -27.14 17.95
CA ARG A 520 -38.01 -26.28 17.17
C ARG A 520 -38.37 -24.81 17.36
N ASN A 521 -39.65 -24.53 17.60
CA ASN A 521 -40.19 -23.20 17.82
C ASN A 521 -40.11 -22.77 19.29
N GLY A 522 -39.50 -23.57 20.16
CA GLY A 522 -39.54 -23.27 21.58
C GLY A 522 -40.93 -23.18 22.15
N THR A 523 -41.88 -23.92 21.57
CA THR A 523 -43.29 -23.86 21.95
C THR A 523 -43.80 -25.09 22.67
N TYR A 524 -43.06 -26.20 22.62
CA TYR A 524 -43.52 -27.47 23.19
C TYR A 524 -43.98 -27.29 24.63
N ASP A 525 -45.25 -27.60 24.89
CA ASP A 525 -45.74 -27.64 26.26
C ASP A 525 -45.66 -29.06 26.80
N TYR A 526 -44.95 -29.21 27.90
CA TYR A 526 -44.99 -30.43 28.69
C TYR A 526 -46.40 -30.96 28.94
N PRO A 527 -47.39 -30.15 29.38
CA PRO A 527 -48.66 -30.74 29.83
C PRO A 527 -49.45 -31.46 28.76
N GLN A 528 -49.50 -30.96 27.52
CA GLN A 528 -50.41 -31.50 26.53
C GLN A 528 -50.13 -32.97 26.22
N TYR A 529 -48.90 -33.45 26.45
CA TYR A 529 -48.64 -34.88 26.42
C TYR A 529 -47.90 -35.34 27.67
N SER A 530 -48.04 -34.60 28.77
CA SER A 530 -47.47 -35.07 30.03
C SER A 530 -48.09 -36.38 30.47
N GLU A 531 -49.42 -36.48 30.38
CA GLU A 531 -50.15 -37.63 30.92
C GLU A 531 -49.92 -38.91 30.14
N GLU A 532 -49.54 -38.81 28.86
CA GLU A 532 -49.22 -40.01 28.09
C GLU A 532 -47.84 -40.55 28.45
N SER A 533 -46.88 -39.66 28.72
CA SER A 533 -45.55 -40.07 29.16
C SER A 533 -45.58 -40.54 30.61
N ARG A 534 -46.39 -39.89 31.44
CA ARG A 534 -46.62 -40.26 32.84
C ARG A 534 -46.74 -41.76 33.00
N LEU A 535 -47.47 -42.39 32.09
CA LEU A 535 -47.79 -43.81 32.16
C LEU A 535 -46.72 -44.68 31.50
N LYS A 536 -46.26 -44.32 30.30
CA LYS A 536 -45.33 -45.18 29.57
C LYS A 536 -44.05 -45.47 30.35
N ARG A 537 -43.53 -44.46 31.07
CA ARG A 537 -42.25 -44.64 31.75
C ARG A 537 -42.37 -45.62 32.93
N GLU A 538 -43.46 -45.55 33.70
CA GLU A 538 -43.75 -46.58 34.69
C GLU A 538 -43.89 -47.96 34.06
N GLU A 539 -44.19 -48.03 32.75
CA GLU A 539 -44.16 -49.29 32.03
C GLU A 539 -42.74 -49.77 31.75
N ILE A 540 -41.77 -48.86 31.52
CA ILE A 540 -40.39 -49.30 31.34
C ILE A 540 -39.81 -49.82 32.66
N ASP A 541 -39.95 -49.04 33.74
CA ASP A 541 -39.54 -49.49 35.06
C ASP A 541 -40.17 -50.81 35.45
N SER A 542 -41.27 -51.18 34.80
CA SER A 542 -41.96 -52.45 35.01
C SER A 542 -42.08 -53.25 33.71
N GLY A 543 -41.27 -52.95 32.71
CA GLY A 543 -41.32 -53.71 31.47
C GLY A 543 -40.67 -55.05 31.62
N LEU A 544 -39.87 -55.46 30.65
CA LEU A 544 -39.08 -56.66 30.85
C LEU A 544 -37.82 -56.29 31.63
C1 GAL B . 39.17 22.92 -29.40
C2 GAL B . 37.66 22.80 -29.27
C3 GAL B . 37.25 22.16 -27.90
C4 GAL B . 38.05 20.89 -27.56
C5 GAL B . 39.55 21.00 -27.97
C6 GAL B . 40.33 19.67 -28.03
O2 GAL B . 37.04 24.06 -29.38
O3 GAL B . 35.86 21.79 -27.91
O4 GAL B . 37.44 19.76 -28.18
O5 GAL B . 39.74 21.62 -29.27
O6 GAL B . 41.71 19.88 -28.27
C1 SIA B . 33.61 21.01 -27.21
C2 SIA B . 34.81 22.03 -27.04
C3 SIA B . 34.49 23.48 -27.46
C4 SIA B . 33.48 24.13 -26.51
C5 SIA B . 34.05 24.07 -25.09
C6 SIA B . 34.28 22.59 -24.71
C7 SIA B . 34.88 22.43 -23.29
C8 SIA B . 35.21 20.97 -22.90
C9 SIA B . 35.36 20.96 -21.39
C10 SIA B . 33.41 25.44 -23.13
C11 SIA B . 32.20 25.91 -22.37
N5 SIA B . 33.10 24.66 -24.18
O1A SIA B . 32.88 21.30 -28.21
O1B SIA B . 33.51 20.08 -26.37
O4 SIA B . 33.15 25.51 -26.77
O6 SIA B . 35.21 22.02 -25.63
O7 SIA B . 36.02 23.26 -23.09
O8 SIA B . 34.22 20.04 -23.37
O9 SIA B . 34.07 21.05 -20.76
O10 SIA B . 34.54 25.74 -22.78
#